data_5MO3
#
_entry.id   5MO3
#
_cell.length_a   58.728
_cell.length_b   60.128
_cell.length_c   69.315
_cell.angle_alpha   90.000
_cell.angle_beta   109.250
_cell.angle_gamma   90.000
#
_symmetry.space_group_name_H-M   'P 1 21 1'
#
loop_
_entity.id
_entity.type
_entity.pdbx_description
1 polymer 'Microtubule-associated protein tau'
2 polymer 'Fab of monoclonal antibody, heavy chain'
3 polymer 'Fab of monoclonal antibody, light chain'
4 branched alpha-D-glucopyranose-(1-1)-alpha-D-glucopyranose
5 non-polymer 'TRIETHYLENE GLYCOL'
6 water water
#
loop_
_entity_poly.entity_id
_entity_poly.type
_entity_poly.pdbx_seq_one_letter_code
_entity_poly.pdbx_strand_id
1 'polypeptide(L)' KHVPGGGSVQIVYK A
2 'polypeptide(L)'
;(PCA)VQLQQSGPELVKPGTSVKMPCKASGYIFTDYVISWVKQRTGQGLEWIGEIFPRSGSTYYNEKFKGKATLTADKSS
NTAYMQLSSVTSEDSAVYFCARDYYGTSFAMDYWGQGTSVTVSSAKTTPPSVYPLAPGSAAQTNSMVTLGCLVKGYFPEP
VTVTWNSGSLSSGVHTFPAVLQSDLYTLSSSVTVPSSTWPSETVTCNVAHPASSTKVDKKIVPRD
;
H
3 'polypeptide(L)'
;DIVMSQSPSSLAVSAGEKVTMSCKSSQSLLNSRTRKNYLAWYQQKPGQSPKLLIYWASTRESGVPDRFTGSGSGTDFTLT
ISSVQAEDLAVYYCKQSFYLRTFGGGTKLDIKRADAAPTVSIFPPSSEQLTSGGASVVCFLNNFYPKDINVRWKIDGSER
QNGVLNSWTDQDSKDSTYSMSSTLTLTKDEYERHNSYTCEATHKTSTSPIVKSFNRNE
;
L
#
loop_
_chem_comp.id
_chem_comp.type
_chem_comp.name
_chem_comp.formula
GLC D-saccharide, alpha linking alpha-D-glucopyranose 'C6 H12 O6'
PGE non-polymer 'TRIETHYLENE GLYCOL' 'C6 H14 O4'
#
# COMPACT_ATOMS: atom_id res chain seq x y z
N LYS A 1 10.81 4.39 37.05
CA LYS A 1 11.70 4.45 35.85
C LYS A 1 11.12 3.58 34.73
N HIS A 2 11.45 3.98 33.50
CA HIS A 2 10.64 3.66 32.33
C HIS A 2 9.17 3.91 32.61
N VAL A 3 8.77 5.17 32.47
CA VAL A 3 7.38 5.56 32.68
C VAL A 3 6.54 5.28 31.42
N PRO A 4 5.24 5.02 31.56
CA PRO A 4 4.38 4.70 30.40
C PRO A 4 4.01 5.86 29.43
N GLY A 5 4.39 7.09 29.75
CA GLY A 5 4.16 8.20 28.83
C GLY A 5 4.53 9.56 29.42
N GLY A 6 4.26 10.61 28.64
CA GLY A 6 4.64 11.95 29.04
C GLY A 6 3.88 12.50 30.24
N GLY A 7 2.70 11.92 30.51
CA GLY A 7 1.87 12.30 31.64
C GLY A 7 2.52 11.98 32.96
N SER A 8 3.35 10.93 32.94
CA SER A 8 4.28 10.61 34.03
C SER A 8 5.52 11.47 33.79
N PCA B 1 23.07 9.40 10.51
CA PCA B 1 21.61 9.25 10.40
CB PCA B 1 21.36 9.12 8.89
CG PCA B 1 22.70 9.34 8.19
CD PCA B 1 23.68 9.44 9.32
OE PCA B 1 24.88 9.57 9.14
C PCA B 1 21.06 8.07 11.15
O PCA B 1 21.69 7.03 11.17
N VAL B 2 19.89 8.24 11.76
CA VAL B 2 19.26 7.15 12.50
C VAL B 2 18.66 6.17 11.51
N GLN B 3 18.81 4.88 11.80
CA GLN B 3 18.22 3.85 10.95
C GLN B 3 17.80 2.63 11.77
N LEU B 4 16.65 2.08 11.40
CA LEU B 4 16.12 0.83 11.97
C LEU B 4 15.94 -0.14 10.82
N GLN B 5 16.68 -1.25 10.88
CA GLN B 5 16.72 -2.27 9.82
C GLN B 5 15.90 -3.50 10.28
N GLN B 6 14.80 -3.75 9.58
CA GLN B 6 13.95 -4.90 9.88
C GLN B 6 14.12 -5.93 8.79
N SER B 7 13.74 -7.15 9.10
CA SER B 7 13.89 -8.27 8.20
C SER B 7 12.76 -8.27 7.14
N GLY B 8 12.95 -9.02 6.05
CA GLY B 8 12.01 -9.09 4.95
C GLY B 8 10.79 -9.94 5.24
N PRO B 9 9.91 -10.11 4.24
CA PRO B 9 8.62 -10.75 4.48
C PRO B 9 8.79 -12.18 4.91
N GLU B 10 7.91 -12.64 5.78
CA GLU B 10 7.93 -13.97 6.35
C GLU B 10 6.60 -14.66 6.08
N LEU B 11 6.67 -15.90 5.62
CA LEU B 11 5.52 -16.79 5.54
C LEU B 11 5.67 -17.85 6.66
N VAL B 12 4.72 -17.90 7.56
CA VAL B 12 4.81 -18.82 8.70
C VAL B 12 3.51 -19.58 8.83
N LYS B 13 3.60 -20.80 9.37
CA LYS B 13 2.44 -21.66 9.46
C LYS B 13 1.68 -21.34 10.74
N PRO B 14 0.35 -21.51 10.73
CA PRO B 14 -0.48 -21.37 11.89
C PRO B 14 0.03 -22.15 13.08
N GLY B 15 -0.07 -21.55 14.27
CA GLY B 15 0.32 -22.23 15.50
C GLY B 15 1.78 -22.10 15.86
N THR B 16 2.63 -21.61 14.96
CA THR B 16 4.05 -21.46 15.24
C THR B 16 4.36 -20.06 15.81
N SER B 17 5.60 -19.87 16.21
CA SER B 17 6.09 -18.59 16.71
C SER B 17 6.94 -17.97 15.63
N VAL B 18 6.87 -16.64 15.52
CA VAL B 18 7.76 -15.91 14.65
C VAL B 18 8.45 -14.84 15.49
N LYS B 19 9.76 -14.72 15.32
CA LYS B 19 10.54 -13.72 16.01
C LYS B 19 11.19 -12.85 14.94
N MET B 20 11.00 -11.52 15.03
CA MET B 20 11.56 -10.60 14.03
C MET B 20 12.46 -9.55 14.66
N PRO B 21 13.59 -9.24 13.97
CA PRO B 21 14.58 -8.29 14.45
C PRO B 21 14.35 -6.88 13.99
N CYS B 22 14.88 -5.94 14.79
CA CYS B 22 14.88 -4.51 14.51
C CYS B 22 16.23 -3.95 14.97
N LYS B 23 17.11 -3.76 14.01
CA LYS B 23 18.50 -3.50 14.25
C LYS B 23 18.70 -2.01 14.14
N ALA B 24 19.01 -1.39 15.26
CA ALA B 24 19.18 0.04 15.39
C ALA B 24 20.63 0.49 15.08
N SER B 25 20.78 1.62 14.42
CA SER B 25 22.12 2.24 14.23
C SER B 25 21.99 3.75 14.15
N GLY B 26 23.12 4.43 14.34
CA GLY B 26 23.16 5.89 14.24
C GLY B 26 22.78 6.67 15.50
N TYR B 27 22.62 5.97 16.62
CA TYR B 27 22.26 6.63 17.87
C TYR B 27 22.58 5.71 19.02
N ILE B 28 22.54 6.25 20.22
CA ILE B 28 22.75 5.47 21.44
C ILE B 28 21.51 4.63 21.74
N PHE B 29 21.62 3.33 21.46
CA PHE B 29 20.52 2.35 21.63
C PHE B 29 19.84 2.41 23.01
N THR B 30 20.65 2.57 24.07
CA THR B 30 20.15 2.60 25.46
C THR B 30 19.58 3.96 25.92
N ASP B 31 19.46 4.94 25.03
CA ASP B 31 18.82 6.23 25.35
C ASP B 31 17.41 6.39 24.77
N TYR B 32 16.96 5.43 23.97
CA TYR B 32 15.64 5.54 23.33
C TYR B 32 14.86 4.23 23.53
N VAL B 33 13.55 4.37 23.45
CA VAL B 33 12.60 3.29 23.50
C VAL B 33 12.41 2.76 22.06
N ILE B 34 12.18 1.46 21.88
CA ILE B 34 11.74 0.89 20.61
C ILE B 34 10.28 0.50 20.77
N SER B 35 9.39 1.03 19.91
CA SER B 35 8.00 0.59 19.93
C SER B 35 7.66 -0.15 18.67
N TRP B 36 6.57 -0.89 18.77
CA TRP B 36 6.16 -1.78 17.71
C TRP B 36 4.70 -1.45 17.37
N VAL B 37 4.42 -1.46 16.07
CA VAL B 37 3.12 -1.06 15.52
C VAL B 37 2.69 -2.12 14.49
N LYS B 38 1.42 -2.50 14.53
CA LYS B 38 0.83 -3.49 13.60
C LYS B 38 0.00 -2.74 12.56
N GLN B 39 0.09 -3.16 11.30
CA GLN B 39 -0.82 -2.65 10.26
C GLN B 39 -1.26 -3.75 9.33
N ARG B 40 -2.54 -4.12 9.43
CA ARG B 40 -3.15 -5.03 8.43
C ARG B 40 -3.23 -4.34 7.06
N THR B 41 -3.10 -5.10 5.97
CA THR B 41 -3.17 -4.56 4.61
C THR B 41 -4.39 -3.63 4.43
N GLY B 42 -4.14 -2.42 3.93
CA GLY B 42 -5.20 -1.43 3.75
C GLY B 42 -5.88 -0.87 4.98
N GLN B 43 -5.37 -1.17 6.17
CA GLN B 43 -5.99 -0.74 7.42
C GLN B 43 -5.09 0.27 8.21
N GLY B 44 -5.51 0.64 9.42
CA GLY B 44 -4.81 1.66 10.23
C GLY B 44 -3.69 1.11 11.12
N LEU B 45 -3.06 2.02 11.85
CA LEU B 45 -1.96 1.69 12.74
C LEU B 45 -2.49 1.27 14.12
N GLU B 46 -1.88 0.24 14.69
CA GLU B 46 -2.27 -0.22 16.03
C GLU B 46 -1.01 -0.45 16.87
N TRP B 47 -0.95 0.21 18.03
CA TRP B 47 0.22 0.08 18.90
C TRP B 47 0.27 -1.28 19.58
N ILE B 48 1.42 -1.98 19.50
CA ILE B 48 1.58 -3.27 20.18
C ILE B 48 2.16 -3.08 21.56
N GLY B 49 3.26 -2.35 21.62
CA GLY B 49 3.94 -2.16 22.90
C GLY B 49 5.33 -1.59 22.67
N GLU B 50 6.12 -1.52 23.74
CA GLU B 50 7.44 -0.89 23.66
C GLU B 50 8.42 -1.51 24.65
N ILE B 51 9.71 -1.36 24.36
CA ILE B 51 10.79 -1.82 25.25
C ILE B 51 11.81 -0.71 25.39
N PHE B 52 12.33 -0.50 26.61
CA PHE B 52 13.41 0.43 26.82
C PHE B 52 14.67 -0.43 26.98
N PRO B 53 15.54 -0.47 25.94
CA PRO B 53 16.70 -1.38 26.01
C PRO B 53 17.66 -1.11 27.19
N ARG B 54 17.66 0.10 27.71
CA ARG B 54 18.42 0.42 28.92
C ARG B 54 18.14 -0.53 30.08
N SER B 55 16.85 -0.74 30.36
CA SER B 55 16.40 -1.53 31.50
C SER B 55 15.78 -2.88 31.16
N GLY B 56 15.45 -3.10 29.90
CA GLY B 56 14.66 -4.24 29.55
C GLY B 56 13.18 -4.18 29.92
N SER B 57 12.68 -3.08 30.44
CA SER B 57 11.26 -3.00 30.83
C SER B 57 10.37 -2.76 29.62
N THR B 58 9.15 -3.25 29.73
CA THR B 58 8.17 -3.19 28.67
C THR B 58 6.84 -2.61 29.14
N TYR B 59 6.10 -2.07 28.16
CA TYR B 59 4.66 -1.77 28.30
C TYR B 59 3.99 -2.34 27.07
N TYR B 60 2.73 -2.74 27.21
CA TYR B 60 1.97 -3.32 26.10
C TYR B 60 0.56 -2.74 26.04
N ASN B 61 0.04 -2.61 24.83
CA ASN B 61 -1.38 -2.61 24.56
C ASN B 61 -1.96 -3.92 25.11
N GLU B 62 -2.91 -3.81 26.05
CA GLU B 62 -3.59 -4.96 26.69
C GLU B 62 -3.97 -6.09 25.73
N LYS B 63 -4.47 -5.72 24.56
CA LYS B 63 -4.77 -6.68 23.46
C LYS B 63 -3.63 -7.63 23.10
N PHE B 64 -2.38 -7.19 23.28
CA PHE B 64 -1.23 -7.99 22.83
C PHE B 64 -0.48 -8.72 23.91
N LYS B 65 -0.94 -8.60 25.16
CA LYS B 65 -0.36 -9.36 26.28
C LYS B 65 -0.49 -10.87 26.08
N GLY B 66 0.64 -11.56 26.03
CA GLY B 66 0.69 -13.01 25.76
C GLY B 66 0.52 -13.41 24.29
N LYS B 67 0.52 -12.42 23.41
CA LYS B 67 0.65 -12.60 21.98
C LYS B 67 2.04 -12.08 21.55
N ALA B 68 2.40 -10.86 21.96
CA ALA B 68 3.70 -10.27 21.67
C ALA B 68 4.63 -10.34 22.87
N THR B 69 5.89 -10.69 22.62
CA THR B 69 6.96 -10.57 23.60
C THR B 69 8.09 -9.75 22.98
N LEU B 70 8.40 -8.63 23.61
CA LEU B 70 9.45 -7.72 23.18
C LEU B 70 10.71 -7.95 24.00
N THR B 71 11.83 -8.06 23.32
CA THR B 71 13.16 -8.15 23.95
C THR B 71 14.12 -7.25 23.24
N ALA B 72 15.29 -7.09 23.85
CA ALA B 72 16.38 -6.38 23.23
C ALA B 72 17.75 -6.92 23.63
N ASP B 73 18.72 -6.79 22.71
CA ASP B 73 20.09 -7.23 22.93
C ASP B 73 20.98 -6.01 22.78
N LYS B 74 21.44 -5.49 23.92
CA LYS B 74 22.28 -4.30 23.96
C LYS B 74 23.54 -4.45 23.15
N SER B 75 24.19 -5.60 23.25
CA SER B 75 25.48 -5.80 22.56
C SER B 75 25.36 -5.75 21.04
N SER B 76 24.22 -6.16 20.48
CA SER B 76 23.99 -6.08 19.01
C SER B 76 23.15 -4.89 18.56
N ASN B 77 22.74 -4.03 19.49
CA ASN B 77 21.77 -2.96 19.21
C ASN B 77 20.50 -3.43 18.45
N THR B 78 20.00 -4.62 18.80
CA THR B 78 18.84 -5.20 18.14
C THR B 78 17.70 -5.40 19.14
N ALA B 79 16.49 -4.96 18.74
CA ALA B 79 15.23 -5.29 19.43
C ALA B 79 14.51 -6.37 18.66
N TYR B 80 13.83 -7.23 19.39
CA TYR B 80 13.04 -8.32 18.80
C TYR B 80 11.61 -8.29 19.25
N MET B 81 10.71 -8.71 18.37
CA MET B 81 9.35 -8.99 18.72
C MET B 81 9.06 -10.44 18.33
N GLN B 82 8.56 -11.20 19.29
CA GLN B 82 8.10 -12.56 19.05
C GLN B 82 6.60 -12.62 19.14
N LEU B 83 5.97 -13.22 18.16
CA LEU B 83 4.54 -13.50 18.16
C LEU B 83 4.38 -14.99 18.37
N SER B 84 3.59 -15.37 19.38
CA SER B 84 3.37 -16.79 19.70
C SER B 84 2.08 -17.30 19.05
N SER B 85 2.07 -18.60 18.76
CA SER B 85 0.92 -19.34 18.22
C SER B 85 0.10 -18.52 17.26
N VAL B 86 0.74 -18.20 16.14
CA VAL B 86 0.14 -17.30 15.16
C VAL B 86 -1.08 -17.88 14.46
N THR B 87 -1.98 -16.98 14.06
CA THR B 87 -3.15 -17.27 13.24
C THR B 87 -3.22 -16.22 12.16
N SER B 88 -4.17 -16.37 11.25
CA SER B 88 -4.34 -15.42 10.14
C SER B 88 -4.68 -13.99 10.64
N GLU B 89 -5.21 -13.88 11.85
CA GLU B 89 -5.33 -12.59 12.56
C GLU B 89 -4.00 -11.84 12.72
N ASP B 90 -2.90 -12.59 12.76
CA ASP B 90 -1.56 -12.01 12.91
C ASP B 90 -0.87 -11.59 11.59
N SER B 91 -1.50 -11.88 10.45
CA SER B 91 -0.99 -11.49 9.15
C SER B 91 -1.11 -9.97 9.05
N ALA B 92 0.04 -9.30 8.94
CA ALA B 92 0.09 -7.85 9.01
C ALA B 92 1.51 -7.42 8.78
N VAL B 93 1.68 -6.14 8.48
CA VAL B 93 3.02 -5.53 8.52
C VAL B 93 3.28 -5.10 9.96
N TYR B 94 4.47 -5.41 10.47
CA TYR B 94 4.88 -4.96 11.81
C TYR B 94 6.05 -4.01 11.68
N PHE B 95 5.87 -2.79 12.18
CA PHE B 95 6.92 -1.77 12.19
C PHE B 95 7.55 -1.72 13.58
N CYS B 96 8.85 -1.51 13.64
CA CYS B 96 9.48 -0.99 14.84
C CYS B 96 9.74 0.51 14.64
N ALA B 97 9.85 1.25 15.73
CA ALA B 97 10.12 2.67 15.64
C ALA B 97 10.85 3.17 16.86
N ARG B 98 11.70 4.18 16.67
CA ARG B 98 12.42 4.76 17.78
C ARG B 98 11.52 5.76 18.46
N ASP B 99 11.41 5.65 19.77
CA ASP B 99 10.57 6.56 20.53
C ASP B 99 11.55 7.42 21.36
N TYR B 100 11.44 8.73 21.17
CA TYR B 100 12.27 9.73 21.87
C TYR B 100 11.81 9.85 23.33
N TYR B 101 12.06 8.78 24.09
CA TYR B 101 11.58 8.63 25.45
C TYR B 101 12.16 9.78 26.28
N GLY B 102 11.32 10.34 27.14
CA GLY B 102 11.74 11.41 28.06
C GLY B 102 11.57 12.85 27.57
N THR B 103 11.45 13.07 26.25
CA THR B 103 11.22 14.41 25.75
C THR B 103 9.90 14.40 24.98
N SER B 104 9.91 14.02 23.70
CA SER B 104 8.69 14.10 22.89
C SER B 104 7.73 12.93 23.08
N PHE B 105 8.28 11.78 23.49
CA PHE B 105 7.54 10.52 23.48
C PHE B 105 6.88 10.31 22.08
N ALA B 106 7.64 10.60 21.04
CA ALA B 106 7.16 10.49 19.66
C ALA B 106 8.07 9.57 18.86
N MET B 107 7.50 8.90 17.85
CA MET B 107 8.21 7.89 17.11
C MET B 107 8.85 8.57 15.94
N ASP B 108 10.10 9.03 16.10
CA ASP B 108 10.70 9.91 15.10
C ASP B 108 11.33 9.18 13.93
N TYR B 109 11.72 7.91 14.13
CA TYR B 109 12.32 7.07 13.03
C TYR B 109 11.73 5.69 13.02
N TRP B 110 11.39 5.19 11.83
CA TRP B 110 10.58 3.99 11.68
C TRP B 110 11.34 3.04 10.79
N GLY B 111 11.26 1.76 11.09
CA GLY B 111 11.72 0.73 10.21
C GLY B 111 10.82 0.59 9.00
N GLN B 112 11.25 -0.23 8.04
CA GLN B 112 10.46 -0.47 6.82
C GLN B 112 9.31 -1.47 6.97
N GLY B 113 9.26 -2.16 8.11
CA GLY B 113 8.20 -3.09 8.44
C GLY B 113 8.50 -4.50 7.97
N THR B 114 8.05 -5.47 8.75
CA THR B 114 8.24 -6.88 8.37
C THR B 114 6.85 -7.42 8.07
N SER B 115 6.68 -7.87 6.83
CA SER B 115 5.39 -8.37 6.41
C SER B 115 5.26 -9.85 6.78
N VAL B 116 4.31 -10.18 7.64
CA VAL B 116 4.09 -11.55 8.06
C VAL B 116 2.81 -12.05 7.42
N THR B 117 2.91 -13.16 6.69
CA THR B 117 1.77 -13.91 6.23
C THR B 117 1.69 -15.23 7.01
N VAL B 118 0.54 -15.47 7.66
CA VAL B 118 0.29 -16.69 8.42
C VAL B 118 -0.65 -17.56 7.60
N SER B 119 -0.12 -18.62 7.02
CA SER B 119 -0.92 -19.49 6.15
C SER B 119 -0.28 -20.88 6.09
N SER B 120 -1.10 -21.92 5.98
CA SER B 120 -0.55 -23.27 5.73
C SER B 120 -0.20 -23.53 4.24
N ALA B 121 -0.63 -22.64 3.34
CA ALA B 121 -0.46 -22.82 1.89
C ALA B 121 1.00 -22.71 1.43
N LYS B 122 1.33 -23.46 0.40
CA LYS B 122 2.69 -23.54 -0.12
C LYS B 122 3.05 -22.32 -0.96
N THR B 123 4.33 -21.95 -0.91
CA THR B 123 4.90 -21.00 -1.81
C THR B 123 4.75 -21.47 -3.26
N THR B 124 4.22 -20.60 -4.16
CA THR B 124 3.99 -20.92 -5.59
C THR B 124 4.60 -19.77 -6.46
N PRO B 125 5.40 -20.10 -7.50
CA PRO B 125 5.90 -19.07 -8.40
C PRO B 125 4.82 -18.52 -9.31
N PRO B 126 4.96 -17.28 -9.83
CA PRO B 126 3.92 -16.80 -10.73
C PRO B 126 4.10 -17.29 -12.15
N SER B 127 3.01 -17.33 -12.90
CA SER B 127 3.11 -17.37 -14.36
C SER B 127 3.15 -15.95 -14.87
N VAL B 128 4.03 -15.66 -15.84
CA VAL B 128 4.14 -14.33 -16.38
C VAL B 128 3.75 -14.32 -17.85
N TYR B 129 2.75 -13.52 -18.22
CA TYR B 129 2.23 -13.48 -19.59
C TYR B 129 2.26 -12.06 -20.18
N PRO B 130 2.64 -11.92 -21.47
CA PRO B 130 2.64 -10.61 -22.07
C PRO B 130 1.20 -10.14 -22.33
N LEU B 131 1.01 -8.83 -22.34
CA LEU B 131 -0.25 -8.20 -22.75
C LEU B 131 0.10 -7.27 -23.90
N ALA B 132 -0.28 -7.69 -25.12
CA ALA B 132 0.06 -6.97 -26.33
C ALA B 132 -1.25 -6.76 -27.06
N PRO B 133 -1.38 -5.63 -27.79
CA PRO B 133 -2.67 -5.33 -28.43
C PRO B 133 -2.98 -6.31 -29.56
N GLY B 134 -4.27 -6.61 -29.74
CA GLY B 134 -4.73 -7.53 -30.81
C GLY B 134 -4.28 -7.05 -32.20
N SER B 135 -4.06 -8.01 -33.11
CA SER B 135 -3.68 -7.69 -34.50
C SER B 135 -4.92 -7.23 -35.26
N ALA B 136 -5.34 -6.03 -34.91
CA ALA B 136 -6.46 -5.29 -35.51
C ALA B 136 -6.37 -3.89 -34.88
N ALA B 137 -6.06 -2.89 -35.71
CA ALA B 137 -5.65 -1.56 -35.26
C ALA B 137 -6.52 -0.93 -34.16
N GLN B 138 -5.97 -0.88 -32.94
CA GLN B 138 -6.65 -0.30 -31.77
C GLN B 138 -6.31 1.18 -31.60
N ASN B 140 -4.13 5.80 -30.76
CA ASN B 140 -3.48 6.78 -31.63
C ASN B 140 -1.96 6.90 -31.39
N SER B 141 -1.55 8.07 -30.87
CA SER B 141 -0.12 8.43 -30.71
C SER B 141 0.64 7.69 -29.59
N MET B 142 -0.11 7.03 -28.71
CA MET B 142 0.45 6.24 -27.61
C MET B 142 -0.05 4.80 -27.70
N VAL B 143 0.75 3.84 -27.24
CA VAL B 143 0.32 2.44 -27.09
C VAL B 143 0.53 1.94 -25.64
N THR B 144 -0.46 1.22 -25.11
CA THR B 144 -0.38 0.64 -23.77
C THR B 144 -0.10 -0.86 -23.88
N LEU B 145 0.94 -1.32 -23.16
CA LEU B 145 1.34 -2.71 -23.07
C LEU B 145 1.28 -3.14 -21.63
N GLY B 146 1.43 -4.44 -21.40
CA GLY B 146 1.39 -4.94 -20.04
C GLY B 146 1.94 -6.32 -19.81
N CYS B 147 1.93 -6.68 -18.54
CA CYS B 147 2.42 -7.93 -18.02
C CYS B 147 1.39 -8.44 -17.06
N LEU B 148 0.91 -9.66 -17.27
CA LEU B 148 0.03 -10.36 -16.34
C LEU B 148 0.86 -11.30 -15.47
N VAL B 149 0.78 -11.15 -14.13
CA VAL B 149 1.56 -11.95 -13.21
C VAL B 149 0.58 -12.74 -12.35
N LYS B 150 0.45 -14.03 -12.66
CA LYS B 150 -0.68 -14.83 -12.20
C LYS B 150 -0.34 -16.08 -11.37
N GLY B 151 -1.06 -16.31 -10.29
CA GLY B 151 -1.02 -17.59 -9.57
C GLY B 151 0.16 -17.79 -8.62
N TYR B 152 0.56 -16.72 -7.91
CA TYR B 152 1.67 -16.79 -6.96
C TYR B 152 1.26 -16.65 -5.49
N PHE B 153 2.15 -17.11 -4.62
CA PHE B 153 1.94 -17.01 -3.19
C PHE B 153 3.28 -17.20 -2.49
N PRO B 154 3.59 -16.50 -1.41
CA PRO B 154 2.89 -15.33 -0.89
C PRO B 154 3.31 -14.01 -1.60
N GLU B 155 2.81 -12.89 -1.08
CA GLU B 155 3.33 -11.57 -1.48
C GLU B 155 4.79 -11.39 -1.00
N PRO B 156 5.60 -10.56 -1.64
CA PRO B 156 5.24 -9.71 -2.76
C PRO B 156 5.85 -10.18 -4.06
N VAL B 157 5.41 -9.59 -5.16
CA VAL B 157 6.22 -9.55 -6.34
C VAL B 157 6.49 -8.11 -6.68
N THR B 158 7.55 -7.89 -7.44
CA THR B 158 7.85 -6.58 -8.01
C THR B 158 7.90 -6.66 -9.51
N VAL B 159 7.56 -5.55 -10.18
CA VAL B 159 7.57 -5.48 -11.63
C VAL B 159 8.27 -4.19 -12.00
N THR B 160 9.25 -4.27 -12.89
CA THR B 160 9.84 -3.13 -13.54
C THR B 160 9.80 -3.33 -15.05
N TRP B 161 10.03 -2.24 -15.77
CA TRP B 161 10.02 -2.21 -17.22
C TRP B 161 11.37 -1.75 -17.80
N ASN B 162 11.92 -2.51 -18.75
CA ASN B 162 13.27 -2.27 -19.30
C ASN B 162 14.30 -1.98 -18.20
N SER B 163 14.28 -2.88 -17.19
CA SER B 163 15.13 -2.87 -16.01
C SER B 163 15.13 -1.53 -15.25
N GLY B 164 13.97 -0.90 -15.13
CA GLY B 164 13.87 0.40 -14.43
C GLY B 164 13.99 1.62 -15.32
N SER B 165 14.55 1.45 -16.52
CA SER B 165 14.74 2.58 -17.43
C SER B 165 13.42 3.13 -17.99
N LEU B 166 12.35 2.30 -18.08
CA LEU B 166 10.99 2.81 -18.32
C LEU B 166 10.27 3.01 -16.98
N SER B 167 10.10 4.26 -16.61
CA SER B 167 9.64 4.68 -15.30
C SER B 167 8.30 5.42 -15.40
N SER B 168 8.17 6.31 -16.37
CA SER B 168 6.94 7.09 -16.58
C SER B 168 5.90 6.27 -17.32
N GLY B 169 4.64 6.60 -17.08
CA GLY B 169 3.54 5.89 -17.71
C GLY B 169 3.36 4.46 -17.24
N VAL B 170 3.94 4.10 -16.08
CA VAL B 170 3.80 2.73 -15.51
C VAL B 170 2.70 2.74 -14.42
N HIS B 171 1.71 1.84 -14.54
CA HIS B 171 0.80 1.51 -13.41
C HIS B 171 0.98 0.06 -13.03
N THR B 172 1.44 -0.23 -11.81
CA THR B 172 1.42 -1.58 -11.30
C THR B 172 0.26 -1.74 -10.29
N PHE B 173 -0.69 -2.61 -10.59
CA PHE B 173 -1.92 -2.76 -9.79
C PHE B 173 -1.73 -3.64 -8.56
N PRO B 174 -2.43 -3.30 -7.45
CA PRO B 174 -2.39 -4.19 -6.29
C PRO B 174 -2.83 -5.60 -6.59
N ALA B 175 -2.14 -6.55 -5.99
CA ALA B 175 -2.48 -7.97 -6.11
C ALA B 175 -3.81 -8.28 -5.50
N VAL B 176 -4.53 -9.20 -6.13
CA VAL B 176 -5.79 -9.67 -5.60
C VAL B 176 -5.67 -11.16 -5.30
N LEU B 177 -6.25 -11.59 -4.18
CA LEU B 177 -6.16 -12.97 -3.69
C LEU B 177 -7.40 -13.72 -4.09
N GLN B 178 -7.24 -14.80 -4.83
CA GLN B 178 -8.34 -15.68 -5.23
C GLN B 178 -7.88 -17.11 -4.99
N SER B 179 -8.58 -17.84 -4.12
CA SER B 179 -8.32 -19.27 -3.88
C SER B 179 -6.87 -19.51 -3.48
N ASP B 180 -6.40 -18.76 -2.48
CA ASP B 180 -5.03 -18.87 -1.96
C ASP B 180 -3.87 -18.55 -2.93
N LEU B 181 -4.18 -17.87 -4.05
CA LEU B 181 -3.18 -17.44 -5.03
C LEU B 181 -3.42 -15.98 -5.45
N TYR B 182 -2.33 -15.25 -5.65
CA TYR B 182 -2.37 -13.85 -5.96
C TYR B 182 -2.22 -13.68 -7.46
N THR B 183 -2.82 -12.61 -7.97
CA THR B 183 -2.61 -12.17 -9.33
C THR B 183 -2.50 -10.66 -9.36
N LEU B 184 -1.58 -10.16 -10.15
CA LEU B 184 -1.49 -8.74 -10.45
C LEU B 184 -1.12 -8.51 -11.90
N SER B 185 -1.34 -7.30 -12.36
CA SER B 185 -0.86 -6.86 -13.67
C SER B 185 -0.15 -5.52 -13.56
N SER B 186 0.68 -5.25 -14.55
CA SER B 186 1.35 -3.96 -14.67
C SER B 186 1.12 -3.44 -16.08
N SER B 187 0.79 -2.14 -16.18
CA SER B 187 0.68 -1.48 -17.48
C SER B 187 1.77 -0.46 -17.75
N VAL B 188 2.17 -0.33 -19.01
CA VAL B 188 3.15 0.68 -19.43
C VAL B 188 2.70 1.29 -20.78
N THR B 189 2.86 2.60 -20.90
CA THR B 189 2.39 3.34 -22.07
C THR B 189 3.58 4.04 -22.67
N VAL B 190 3.84 3.75 -23.95
CA VAL B 190 4.95 4.34 -24.70
C VAL B 190 4.41 4.99 -25.97
N PRO B 191 5.20 5.91 -26.58
CA PRO B 191 4.80 6.47 -27.89
C PRO B 191 4.64 5.34 -28.89
N SER B 192 3.54 5.34 -29.66
CA SER B 192 3.28 4.23 -30.59
C SER B 192 4.31 4.11 -31.73
N SER B 193 5.12 5.16 -31.95
CA SER B 193 6.29 5.07 -32.85
C SER B 193 7.41 4.19 -32.27
N THR B 194 7.67 4.31 -30.95
CA THR B 194 8.74 3.54 -30.30
C THR B 194 8.54 2.01 -30.16
N TRP B 195 7.31 1.52 -30.27
CA TRP B 195 7.05 0.08 -30.15
C TRP B 195 6.29 -0.37 -31.39
N PRO B 196 6.66 -1.48 -32.02
CA PRO B 196 7.68 -2.45 -31.55
C PRO B 196 9.13 -2.22 -31.97
N SER B 197 9.44 -1.11 -32.65
CA SER B 197 10.81 -0.87 -33.14
C SER B 197 11.86 -0.89 -32.01
N GLU B 198 11.54 -0.28 -30.86
CA GLU B 198 12.34 -0.43 -29.62
C GLU B 198 11.62 -1.40 -28.67
N THR B 199 12.41 -2.28 -28.05
CA THR B 199 11.85 -3.37 -27.25
C THR B 199 11.35 -2.88 -25.88
N VAL B 200 10.25 -3.49 -25.44
CA VAL B 200 9.68 -3.28 -24.10
C VAL B 200 9.57 -4.65 -23.42
N THR B 201 10.10 -4.73 -22.21
CA THR B 201 10.25 -5.99 -21.46
C THR B 201 9.86 -5.72 -20.00
N CYS B 202 9.00 -6.56 -19.42
CA CYS B 202 8.70 -6.44 -17.97
C CYS B 202 9.63 -7.40 -17.26
N ASN B 203 10.18 -6.97 -16.14
CA ASN B 203 11.07 -7.77 -15.33
C ASN B 203 10.28 -8.04 -14.06
N VAL B 204 9.94 -9.31 -13.83
CA VAL B 204 9.11 -9.72 -12.71
C VAL B 204 9.99 -10.44 -11.72
N ALA B 205 9.84 -10.13 -10.43
CA ALA B 205 10.56 -10.89 -9.40
C ALA B 205 9.60 -11.32 -8.32
N HIS B 206 9.66 -12.60 -7.93
CA HIS B 206 8.93 -13.15 -6.76
C HIS B 206 10.00 -13.81 -5.92
N PRO B 207 10.59 -13.02 -4.99
CA PRO B 207 11.72 -13.52 -4.21
C PRO B 207 11.49 -14.81 -3.43
N ALA B 208 10.27 -15.03 -2.92
CA ALA B 208 9.92 -16.23 -2.14
C ALA B 208 10.11 -17.56 -2.89
N SER B 209 9.99 -17.53 -4.21
CA SER B 209 10.14 -18.73 -5.04
C SER B 209 11.37 -18.65 -5.94
N SER B 210 12.27 -17.70 -5.63
CA SER B 210 13.41 -17.32 -6.46
C SER B 210 13.14 -17.07 -7.95
N THR B 211 12.01 -16.46 -8.25
CA THR B 211 11.62 -16.21 -9.64
C THR B 211 12.14 -14.85 -10.04
N LYS B 212 12.87 -14.81 -11.14
CA LYS B 212 13.27 -13.59 -11.84
C LYS B 212 13.03 -13.83 -13.31
N VAL B 213 11.98 -13.27 -13.85
CA VAL B 213 11.57 -13.46 -15.23
C VAL B 213 11.57 -12.12 -15.96
N ASP B 214 11.98 -12.18 -17.22
CA ASP B 214 11.87 -11.07 -18.16
C ASP B 214 10.92 -11.50 -19.25
N LYS B 215 9.84 -10.75 -19.48
CA LYS B 215 8.92 -11.07 -20.55
C LYS B 215 8.94 -9.97 -21.60
N LYS B 216 9.48 -10.28 -22.78
CA LYS B 216 9.49 -9.30 -23.86
C LYS B 216 8.07 -9.22 -24.45
N ILE B 217 7.61 -8.00 -24.69
CA ILE B 217 6.33 -7.78 -25.32
C ILE B 217 6.57 -7.71 -26.83
N VAL B 218 6.06 -8.72 -27.54
CA VAL B 218 6.19 -8.82 -28.99
C VAL B 218 4.81 -8.58 -29.62
N PRO B 219 4.78 -7.93 -30.81
CA PRO B 219 3.50 -7.68 -31.46
C PRO B 219 2.85 -8.98 -31.91
N ARG B 220 1.52 -9.06 -31.90
CA ARG B 220 0.82 -10.32 -32.20
C ARG B 220 0.79 -10.63 -33.73
N ASP B 221 0.35 -11.84 -34.08
CA ASP B 221 0.56 -12.46 -35.42
C ASP B 221 2.06 -12.63 -35.67
N ASP C 1 -7.45 3.82 29.54
CA ASP C 1 -6.85 3.86 28.17
C ASP C 1 -7.48 4.98 27.35
N ILE C 2 -6.66 5.70 26.59
CA ILE C 2 -7.13 6.91 25.93
C ILE C 2 -7.59 6.59 24.50
N VAL C 3 -8.79 7.06 24.18
CA VAL C 3 -9.42 6.84 22.89
C VAL C 3 -9.21 8.09 22.05
N MET C 4 -8.79 7.90 20.83
CA MET C 4 -8.48 9.01 19.94
C MET C 4 -9.46 8.98 18.80
N SER C 5 -10.09 10.12 18.50
CA SER C 5 -11.12 10.18 17.47
C SER C 5 -10.73 11.22 16.44
N GLN C 6 -10.61 10.77 15.19
CA GLN C 6 -10.27 11.62 14.09
C GLN C 6 -11.49 11.81 13.19
N SER C 7 -11.60 13.03 12.68
CA SER C 7 -12.65 13.38 11.73
C SER C 7 -12.13 14.50 10.83
N PRO C 8 -12.59 14.53 9.57
CA PRO C 8 -13.47 13.50 8.98
C PRO C 8 -12.66 12.25 8.67
N SER C 9 -13.33 11.15 8.32
CA SER C 9 -12.60 9.94 7.96
C SER C 9 -11.83 10.15 6.66
N SER C 10 -12.37 10.94 5.75
CA SER C 10 -11.60 11.30 4.59
C SER C 10 -12.01 12.65 4.07
N LEU C 11 -11.14 13.22 3.25
CA LEU C 11 -11.28 14.57 2.82
C LEU C 11 -10.73 14.68 1.43
N ALA C 12 -11.42 15.42 0.55
CA ALA C 12 -10.97 15.66 -0.81
C ALA C 12 -10.78 17.15 -1.04
N VAL C 13 -9.58 17.59 -1.41
CA VAL C 13 -9.31 18.99 -1.70
C VAL C 13 -8.48 19.15 -2.98
N SER C 14 -8.61 20.31 -3.63
CA SER C 14 -7.87 20.65 -4.84
C SER C 14 -6.46 21.10 -4.45
N ALA C 15 -5.50 20.82 -5.32
CA ALA C 15 -4.14 21.33 -5.16
C ALA C 15 -4.14 22.86 -4.94
N GLY C 16 -3.39 23.31 -3.94
CA GLY C 16 -3.34 24.74 -3.59
C GLY C 16 -4.26 25.20 -2.48
N GLU C 17 -5.29 24.42 -2.14
CA GLU C 17 -6.25 24.75 -1.07
C GLU C 17 -5.68 24.32 0.29
N LYS C 18 -6.36 24.78 1.34
CA LYS C 18 -5.98 24.52 2.73
C LYS C 18 -6.83 23.37 3.22
N VAL C 19 -6.27 22.40 3.92
CA VAL C 19 -7.13 21.37 4.53
C VAL C 19 -6.94 21.43 6.03
N THR C 20 -8.00 21.06 6.76
CA THR C 20 -8.02 21.04 8.20
C THR C 20 -8.62 19.70 8.64
N MET C 21 -8.07 19.10 9.70
CA MET C 21 -8.59 17.85 10.21
C MET C 21 -8.48 17.83 11.71
N SER C 22 -9.36 17.07 12.35
CA SER C 22 -9.57 17.11 13.78
C SER C 22 -9.14 15.81 14.46
N CYS C 23 -8.59 15.95 15.66
CA CYS C 23 -8.23 14.83 16.50
C CYS C 23 -8.63 15.17 17.93
N LYS C 24 -9.42 14.29 18.54
CA LYS C 24 -9.92 14.46 19.91
C LYS C 24 -9.55 13.27 20.78
N SER C 25 -9.20 13.56 22.02
CA SER C 25 -8.83 12.51 22.93
C SER C 25 -9.88 12.42 24.02
N SER C 26 -10.13 11.22 24.52
CA SER C 26 -11.06 11.00 25.63
C SER C 26 -10.62 11.61 26.99
N GLN C 27 -9.34 12.00 27.10
CA GLN C 27 -8.75 12.61 28.29
C GLN C 27 -7.73 13.65 27.91
N SER C 28 -7.52 14.64 28.77
CA SER C 28 -6.49 15.63 28.50
C SER C 28 -5.09 14.97 28.29
N LEU C 29 -4.41 15.40 27.25
CA LEU C 29 -3.00 15.03 26.97
C LEU C 29 -1.98 16.06 27.46
N LEU C 30 -2.45 17.03 28.25
CA LEU C 30 -1.62 18.10 28.72
C LEU C 30 -1.15 17.73 30.11
N ASN C 31 0.16 17.79 30.32
CA ASN C 31 0.71 17.59 31.64
C ASN C 31 1.19 18.94 32.19
N SER C 32 0.67 19.34 33.35
CA SER C 32 0.90 20.70 33.89
C SER C 32 2.38 20.98 34.29
N ARG C 33 3.06 20.00 34.89
CA ARG C 33 4.48 20.14 35.29
C ARG C 33 5.40 20.44 34.09
N THR C 34 5.38 19.55 33.08
CA THR C 34 6.15 19.71 31.83
CA THR C 34 6.18 19.75 31.86
C THR C 34 5.57 20.79 30.90
N ARG C 35 4.25 21.02 31.01
CA ARG C 35 3.53 22.03 30.21
C ARG C 35 3.40 21.64 28.72
N LYS C 36 3.45 20.34 28.40
CA LYS C 36 3.37 19.86 27.00
C LYS C 36 2.14 18.98 26.81
N ASN C 37 1.60 19.01 25.61
CA ASN C 37 0.62 18.01 25.17
C ASN C 37 1.35 16.84 24.53
N TYR C 38 1.03 15.61 24.94
CA TYR C 38 1.69 14.43 24.32
C TYR C 38 0.86 13.92 23.15
N LEU C 39 0.97 14.67 22.07
CA LEU C 39 0.13 14.41 20.90
C LEU C 39 0.94 14.63 19.66
N ALA C 40 0.96 13.61 18.79
CA ALA C 40 1.81 13.66 17.59
C ALA C 40 0.99 13.38 16.34
N TRP C 41 1.48 13.86 15.20
CA TRP C 41 0.82 13.61 13.90
C TRP C 41 1.80 12.92 12.98
N TYR C 42 1.33 11.88 12.29
CA TYR C 42 2.10 11.09 11.38
C TYR C 42 1.40 11.02 10.04
N GLN C 43 2.20 11.02 9.00
CA GLN C 43 1.78 10.94 7.62
C GLN C 43 2.23 9.58 7.06
N GLN C 44 1.31 8.88 6.40
CA GLN C 44 1.68 7.62 5.74
C GLN C 44 1.20 7.62 4.29
N LYS C 45 2.15 7.71 3.37
CA LYS C 45 1.88 7.61 1.93
C LYS C 45 1.79 6.12 1.53
N PRO C 46 1.15 5.83 0.39
CA PRO C 46 1.02 4.42 -0.02
C PRO C 46 2.33 3.71 -0.18
N GLY C 47 2.45 2.53 0.41
CA GLY C 47 3.66 1.72 0.33
C GLY C 47 4.85 2.18 1.16
N GLN C 48 4.64 3.13 2.08
CA GLN C 48 5.74 3.68 2.85
C GLN C 48 5.43 3.49 4.34
N SER C 49 6.46 3.61 5.18
N SER C 49 6.47 3.64 5.17
CA SER C 49 6.26 3.60 6.62
CA SER C 49 6.30 3.67 6.61
C SER C 49 5.72 4.97 7.04
C SER C 49 5.69 5.01 7.03
N PRO C 50 5.01 5.04 8.19
CA PRO C 50 4.56 6.33 8.72
C PRO C 50 5.74 7.28 8.96
N LYS C 51 5.52 8.58 8.78
CA LYS C 51 6.52 9.60 9.02
C LYS C 51 6.04 10.59 10.08
N LEU C 52 6.87 10.87 11.10
CA LEU C 52 6.51 11.89 12.10
C LEU C 52 6.49 13.30 11.50
N LEU C 53 5.37 14.01 11.67
CA LEU C 53 5.26 15.39 11.18
C LEU C 53 5.33 16.41 12.31
N ILE C 54 4.59 16.16 13.38
CA ILE C 54 4.39 17.13 14.45
C ILE C 54 4.42 16.36 15.74
N TYR C 55 5.13 16.87 16.77
CA TYR C 55 4.99 16.35 18.12
C TYR C 55 4.70 17.47 19.12
N TRP C 56 4.37 17.08 20.37
CA TRP C 56 3.99 18.05 21.40
C TRP C 56 2.90 18.99 20.85
N ALA C 57 1.94 18.40 20.13
CA ALA C 57 0.82 19.14 19.49
C ALA C 57 1.20 20.14 18.38
N SER C 58 2.27 20.93 18.55
CA SER C 58 2.59 22.03 17.64
C SER C 58 4.05 22.20 17.21
N THR C 59 4.93 21.29 17.59
CA THR C 59 6.33 21.40 17.23
C THR C 59 6.61 20.59 15.97
N ARG C 60 7.08 21.25 14.91
CA ARG C 60 7.34 20.56 13.66
C ARG C 60 8.61 19.74 13.75
N GLU C 61 8.55 18.54 13.18
CA GLU C 61 9.72 17.67 13.16
C GLU C 61 10.72 18.16 12.11
N SER C 62 11.99 17.78 12.35
CA SER C 62 13.11 17.98 11.45
C SER C 62 12.72 17.86 10.00
N GLY C 63 12.93 18.93 9.23
CA GLY C 63 12.82 18.87 7.79
C GLY C 63 11.42 19.06 7.24
N VAL C 64 10.41 19.08 8.11
CA VAL C 64 9.01 19.17 7.71
C VAL C 64 8.72 20.66 7.40
N PRO C 65 8.22 20.94 6.20
CA PRO C 65 7.96 22.37 5.86
C PRO C 65 6.78 22.98 6.66
N ASP C 66 6.75 24.31 6.78
CA ASP C 66 5.81 24.98 7.69
C ASP C 66 4.39 24.99 7.20
N ARG C 67 4.14 24.55 5.97
CA ARG C 67 2.77 24.35 5.55
C ARG C 67 2.02 23.24 6.32
N PHE C 68 2.71 22.37 7.05
CA PHE C 68 2.03 21.48 8.01
C PHE C 68 2.07 22.12 9.38
N THR C 69 0.92 22.37 9.99
CA THR C 69 0.87 23.00 11.30
C THR C 69 -0.07 22.27 12.19
N GLY C 70 0.44 21.86 13.36
CA GLY C 70 -0.40 21.31 14.39
C GLY C 70 -0.77 22.40 15.40
N SER C 71 -2.00 22.34 15.89
CA SER C 71 -2.49 23.26 16.90
C SER C 71 -3.44 22.51 17.85
N GLY C 72 -3.80 23.20 18.92
CA GLY C 72 -4.72 22.68 19.90
C GLY C 72 -4.02 22.25 21.19
N SER C 73 -4.82 21.85 22.15
CA SER C 73 -4.35 21.57 23.49
C SER C 73 -5.41 20.83 24.27
N GLY C 74 -4.99 20.02 25.25
CA GLY C 74 -5.92 19.31 26.12
C GLY C 74 -6.52 18.07 25.48
N THR C 75 -7.76 18.19 25.02
CA THR C 75 -8.46 17.10 24.33
C THR C 75 -8.81 17.39 22.86
N ASP C 76 -8.47 18.59 22.36
CA ASP C 76 -8.89 19.06 21.04
C ASP C 76 -7.69 19.53 20.22
N PHE C 77 -7.46 18.83 19.11
CA PHE C 77 -6.27 19.06 18.29
C PHE C 77 -6.63 19.13 16.82
N THR C 78 -5.81 19.87 16.08
CA THR C 78 -6.01 20.08 14.66
C THR C 78 -4.70 19.98 13.90
N LEU C 79 -4.78 19.42 12.70
CA LEU C 79 -3.70 19.48 11.73
C LEU C 79 -4.20 20.26 10.55
N THR C 80 -3.43 21.28 10.17
CA THR C 80 -3.67 22.10 9.01
C THR C 80 -2.59 21.86 7.99
N ILE C 81 -2.98 21.65 6.75
CA ILE C 81 -2.03 21.64 5.64
C ILE C 81 -2.42 22.80 4.73
N SER C 82 -1.57 23.81 4.60
CA SER C 82 -1.82 24.85 3.56
C SER C 82 -1.15 24.50 2.23
N SER C 83 -1.65 25.11 1.16
CA SER C 83 -1.10 24.95 -0.20
C SER C 83 -0.91 23.47 -0.52
N VAL C 84 -1.95 22.66 -0.32
CA VAL C 84 -1.87 21.20 -0.47
C VAL C 84 -1.28 20.87 -1.82
N GLN C 85 -0.38 19.92 -1.84
CA GLN C 85 0.24 19.44 -3.06
C GLN C 85 -0.28 18.05 -3.35
N ALA C 86 -0.20 17.63 -4.62
CA ALA C 86 -0.59 16.29 -5.02
C ALA C 86 0.18 15.22 -4.30
N GLU C 87 1.45 15.52 -3.99
CA GLU C 87 2.34 14.60 -3.28
C GLU C 87 1.95 14.40 -1.81
N ASP C 88 1.03 15.23 -1.28
CA ASP C 88 0.51 15.09 0.10
C ASP C 88 -0.56 13.99 0.31
N LEU C 89 -0.98 13.30 -0.76
CA LEU C 89 -2.00 12.30 -0.55
C LEU C 89 -1.40 11.17 0.34
N ALA C 90 -2.13 10.85 1.39
CA ALA C 90 -1.64 10.05 2.48
C ALA C 90 -2.81 9.87 3.41
N VAL C 91 -2.61 8.98 4.38
CA VAL C 91 -3.46 8.95 5.55
C VAL C 91 -2.68 9.65 6.65
N TYR C 92 -3.36 10.52 7.37
CA TYR C 92 -2.79 11.25 8.51
C TYR C 92 -3.37 10.75 9.82
N TYR C 93 -2.48 10.25 10.67
CA TYR C 93 -2.82 9.75 12.00
C TYR C 93 -2.37 10.68 13.11
N CYS C 94 -3.23 10.88 14.11
CA CYS C 94 -2.81 11.43 15.38
C CYS C 94 -2.55 10.27 16.34
N LYS C 95 -1.75 10.55 17.35
CA LYS C 95 -1.34 9.55 18.33
C LYS C 95 -1.01 10.24 19.63
N GLN C 96 -1.64 9.75 20.70
CA GLN C 96 -1.36 10.22 22.05
C GLN C 96 -0.25 9.38 22.67
N SER C 97 0.63 10.04 23.43
CA SER C 97 1.65 9.37 24.22
C SER C 97 1.70 9.93 25.65
N PHE C 98 0.54 10.39 26.14
CA PHE C 98 0.34 10.75 27.54
C PHE C 98 0.46 9.51 28.45
N TYR C 99 -0.25 8.45 28.10
CA TYR C 99 -0.27 7.23 28.88
C TYR C 99 -0.47 6.01 27.93
N LEU C 100 0.55 5.16 27.86
CA LEU C 100 0.69 4.15 26.82
C LEU C 100 0.64 4.90 25.47
N ARG C 101 0.19 4.24 24.40
CA ARG C 101 0.15 4.88 23.09
C ARG C 101 -1.15 4.46 22.44
N THR C 102 -1.79 5.41 21.78
CA THR C 102 -3.01 5.09 21.01
C THR C 102 -3.05 5.95 19.76
N PHE C 103 -3.22 5.28 18.62
CA PHE C 103 -3.37 5.95 17.33
C PHE C 103 -4.85 6.21 17.11
N GLY C 104 -5.17 7.39 16.57
CA GLY C 104 -6.46 7.62 15.97
C GLY C 104 -6.60 6.79 14.71
N GLY C 105 -7.81 6.72 14.19
CA GLY C 105 -8.11 5.84 13.08
C GLY C 105 -7.73 6.39 11.74
N GLY C 106 -7.29 7.65 11.70
CA GLY C 106 -6.72 8.21 10.48
C GLY C 106 -7.70 9.09 9.70
N THR C 107 -7.18 10.13 9.04
CA THR C 107 -7.94 10.90 8.05
C THR C 107 -7.24 10.71 6.71
N LYS C 108 -7.97 10.20 5.73
CA LYS C 108 -7.43 9.98 4.41
C LYS C 108 -7.60 11.22 3.55
N LEU C 109 -6.50 11.70 3.01
CA LEU C 109 -6.52 12.89 2.17
C LEU C 109 -6.43 12.48 0.71
N ASP C 110 -7.50 12.81 -0.04
CA ASP C 110 -7.62 12.66 -1.46
C ASP C 110 -7.53 14.02 -2.13
N ILE C 111 -7.10 14.01 -3.39
CA ILE C 111 -6.93 15.22 -4.17
C ILE C 111 -8.03 15.30 -5.21
N LYS C 112 -8.65 16.46 -5.31
CA LYS C 112 -9.64 16.74 -6.37
C LYS C 112 -8.91 17.32 -7.55
N ARG C 113 -9.38 16.98 -8.74
CA ARG C 113 -8.80 17.52 -9.98
C ARG C 113 -9.89 17.51 -11.04
N ALA C 114 -9.57 17.99 -12.25
CA ALA C 114 -10.52 18.00 -13.36
C ALA C 114 -10.87 16.57 -13.79
N ASP C 115 -12.14 16.37 -14.12
CA ASP C 115 -12.58 15.07 -14.65
C ASP C 115 -11.75 14.63 -15.87
N ALA C 116 -11.47 13.32 -15.93
CA ALA C 116 -10.77 12.72 -17.06
C ALA C 116 -11.32 11.34 -17.34
N ALA C 117 -11.67 11.12 -18.61
CA ALA C 117 -12.14 9.84 -19.05
C ALA C 117 -11.00 8.83 -19.01
N PRO C 118 -11.32 7.56 -18.73
CA PRO C 118 -10.30 6.53 -18.78
C PRO C 118 -9.83 6.25 -20.19
N THR C 119 -8.53 5.96 -20.33
CA THR C 119 -7.96 5.37 -21.53
C THR C 119 -8.12 3.87 -21.38
N VAL C 120 -8.88 3.24 -22.26
CA VAL C 120 -9.24 1.85 -22.09
C VAL C 120 -8.51 0.99 -23.12
N SER C 121 -7.94 -0.14 -22.65
CA SER C 121 -7.24 -1.08 -23.53
C SER C 121 -7.61 -2.52 -23.21
N ILE C 122 -7.82 -3.34 -24.24
CA ILE C 122 -8.13 -4.74 -24.11
C ILE C 122 -7.00 -5.63 -24.67
N PHE C 123 -6.75 -6.76 -24.01
CA PHE C 123 -5.66 -7.65 -24.35
C PHE C 123 -6.17 -9.09 -24.42
N PRO C 124 -6.06 -9.71 -25.62
CA PRO C 124 -6.46 -11.10 -25.72
C PRO C 124 -5.45 -11.97 -24.96
N PRO C 125 -5.81 -13.22 -24.64
CA PRO C 125 -4.87 -14.12 -23.98
C PRO C 125 -3.62 -14.36 -24.80
N SER C 126 -2.50 -14.60 -24.13
CA SER C 126 -1.23 -14.98 -24.80
C SER C 126 -1.23 -16.43 -25.31
N SER C 127 -0.47 -16.70 -26.37
CA SER C 127 -0.21 -18.07 -26.86
C SER C 127 0.30 -18.99 -25.76
N GLU C 128 1.24 -18.46 -24.99
CA GLU C 128 1.81 -19.14 -23.84
C GLU C 128 0.75 -19.66 -22.90
N GLN C 129 -0.15 -18.77 -22.48
CA GLN C 129 -1.20 -19.15 -21.53
C GLN C 129 -2.14 -20.16 -22.14
N LEU C 130 -2.55 -19.91 -23.38
CA LEU C 130 -3.49 -20.80 -24.07
C LEU C 130 -2.91 -22.20 -24.23
N THR C 131 -1.64 -22.29 -24.58
CA THR C 131 -1.01 -23.62 -24.68
C THR C 131 -1.12 -24.41 -23.38
N SER C 132 -1.09 -23.73 -22.24
CA SER C 132 -1.22 -24.40 -20.95
C SER C 132 -2.65 -24.61 -20.48
N GLY C 133 -3.63 -24.16 -21.26
CA GLY C 133 -5.03 -24.47 -20.95
C GLY C 133 -5.86 -23.33 -20.36
N GLY C 134 -5.27 -22.14 -20.22
CA GLY C 134 -5.91 -21.01 -19.57
C GLY C 134 -6.10 -19.88 -20.56
N ALA C 135 -7.03 -18.98 -20.26
CA ALA C 135 -7.33 -17.86 -21.15
C ALA C 135 -7.79 -16.67 -20.30
N SER C 136 -6.88 -15.74 -20.06
CA SER C 136 -7.14 -14.53 -19.29
C SER C 136 -7.20 -13.37 -20.29
N VAL C 137 -8.22 -12.55 -20.13
CA VAL C 137 -8.46 -11.42 -20.99
C VAL C 137 -8.41 -10.26 -20.02
N VAL C 138 -7.63 -9.25 -20.37
CA VAL C 138 -7.31 -8.16 -19.47
C VAL C 138 -7.72 -6.84 -20.08
N CYS C 139 -8.30 -5.99 -19.26
CA CYS C 139 -8.71 -4.65 -19.64
C CYS C 139 -8.14 -3.65 -18.64
N PHE C 140 -7.39 -2.66 -19.14
CA PHE C 140 -6.88 -1.56 -18.34
C PHE C 140 -7.76 -0.33 -18.59
N LEU C 141 -8.13 0.34 -17.50
CA LEU C 141 -8.85 1.58 -17.53
C LEU C 141 -7.96 2.58 -16.81
N ASN C 142 -7.18 3.35 -17.58
CA ASN C 142 -6.07 4.13 -17.04
C ASN C 142 -6.33 5.62 -16.99
N ASN C 143 -5.77 6.24 -15.93
CA ASN C 143 -5.72 7.70 -15.72
C ASN C 143 -7.04 8.41 -15.79
N PHE C 144 -8.00 7.99 -14.96
CA PHE C 144 -9.30 8.63 -14.91
C PHE C 144 -9.53 9.37 -13.59
N TYR C 145 -10.53 10.24 -13.59
CA TYR C 145 -10.97 10.94 -12.40
C TYR C 145 -12.42 11.37 -12.67
N PRO C 146 -13.34 11.19 -11.72
CA PRO C 146 -13.12 10.67 -10.37
C PRO C 146 -12.96 9.14 -10.32
N LYS C 147 -12.78 8.61 -9.10
CA LYS C 147 -12.41 7.21 -8.88
C LYS C 147 -13.52 6.21 -9.20
N ASP C 148 -14.77 6.63 -9.10
CA ASP C 148 -15.88 5.71 -9.28
C ASP C 148 -15.96 5.32 -10.75
N ILE C 149 -16.01 4.02 -11.02
CA ILE C 149 -16.06 3.51 -12.37
C ILE C 149 -16.75 2.16 -12.33
N ASN C 150 -17.42 1.82 -13.43
N ASN C 150 -17.39 1.77 -13.43
CA ASN C 150 -18.03 0.52 -13.60
CA ASN C 150 -18.04 0.47 -13.50
C ASN C 150 -17.42 -0.13 -14.82
C ASN C 150 -17.66 -0.20 -14.82
N VAL C 151 -17.13 -1.42 -14.72
CA VAL C 151 -16.67 -2.20 -15.89
C VAL C 151 -17.58 -3.41 -16.07
N ARG C 152 -18.01 -3.63 -17.30
CA ARG C 152 -18.83 -4.80 -17.65
C ARG C 152 -18.12 -5.54 -18.76
N TRP C 153 -18.13 -6.86 -18.69
CA TRP C 153 -17.58 -7.76 -19.72
C TRP C 153 -18.71 -8.33 -20.53
N LYS C 154 -18.49 -8.44 -21.82
CA LYS C 154 -19.45 -9.10 -22.69
C LYS C 154 -18.73 -10.12 -23.58
N ILE C 155 -19.38 -11.28 -23.71
CA ILE C 155 -18.90 -12.36 -24.57
C ILE C 155 -20.00 -12.57 -25.59
N ASP C 156 -19.69 -12.30 -26.85
CA ASP C 156 -20.71 -12.31 -27.93
C ASP C 156 -21.99 -11.53 -27.57
N GLY C 157 -21.80 -10.35 -26.97
CA GLY C 157 -22.90 -9.51 -26.56
C GLY C 157 -23.57 -9.82 -25.24
N SER C 158 -23.33 -10.99 -24.62
CA SER C 158 -23.98 -11.31 -23.32
C SER C 158 -23.09 -10.90 -22.15
N GLU C 159 -23.65 -10.20 -21.16
CA GLU C 159 -22.85 -9.79 -20.00
C GLU C 159 -22.30 -11.05 -19.33
N ARG C 160 -21.07 -10.98 -18.85
CA ARG C 160 -20.46 -12.09 -18.16
C ARG C 160 -19.99 -11.51 -16.86
N GLN C 161 -20.45 -12.11 -15.76
CA GLN C 161 -20.20 -11.57 -14.42
C GLN C 161 -19.43 -12.49 -13.47
N ASN C 162 -18.78 -13.55 -13.93
CA ASN C 162 -17.68 -14.11 -13.14
C ASN C 162 -16.56 -14.91 -13.77
N GLY C 163 -15.50 -15.12 -12.99
CA GLY C 163 -14.15 -15.25 -13.49
C GLY C 163 -13.50 -13.86 -13.63
N VAL C 164 -14.14 -12.84 -13.07
CA VAL C 164 -13.68 -11.44 -13.15
C VAL C 164 -12.93 -11.06 -11.88
N LEU C 165 -11.69 -10.55 -12.03
CA LEU C 165 -10.93 -10.00 -10.90
C LEU C 165 -10.51 -8.55 -11.21
N ASN C 166 -10.95 -7.62 -10.35
CA ASN C 166 -10.72 -6.21 -10.52
C ASN C 166 -9.76 -5.72 -9.45
N SER C 167 -8.94 -4.73 -9.81
CA SER C 167 -7.98 -4.11 -8.89
C SER C 167 -7.82 -2.63 -9.24
N TRP C 168 -7.68 -1.81 -8.22
CA TRP C 168 -7.68 -0.36 -8.34
C TRP C 168 -6.42 0.18 -7.71
N THR C 169 -5.72 1.06 -8.41
CA THR C 169 -4.55 1.71 -7.85
C THR C 169 -4.94 2.77 -6.85
N ASP C 170 -4.02 3.09 -5.94
CA ASP C 170 -4.08 4.37 -5.18
C ASP C 170 -4.09 5.55 -6.16
N GLN C 171 -4.62 6.68 -5.70
CA GLN C 171 -4.51 7.90 -6.46
C GLN C 171 -3.03 8.18 -6.74
N ASP C 172 -2.73 8.55 -7.96
CA ASP C 172 -1.39 8.83 -8.44
C ASP C 172 -1.00 10.25 -7.99
N SER C 173 0.12 10.40 -7.31
CA SER C 173 0.63 11.74 -6.97
C SER C 173 1.10 12.57 -8.20
N LYS C 174 1.47 11.93 -9.31
CA LYS C 174 1.95 12.65 -10.48
C LYS C 174 0.84 13.44 -11.17
N ASP C 175 -0.34 12.84 -11.29
CA ASP C 175 -1.44 13.51 -11.97
C ASP C 175 -2.78 13.47 -11.22
N SER C 176 -2.84 12.98 -9.98
CA SER C 176 -4.10 12.93 -9.21
C SER C 176 -5.19 12.06 -9.85
N THR C 177 -4.80 11.11 -10.69
CA THR C 177 -5.76 10.21 -11.36
C THR C 177 -5.75 8.84 -10.71
N TYR C 178 -6.74 8.05 -11.10
CA TYR C 178 -6.91 6.67 -10.73
C TYR C 178 -6.78 5.79 -11.98
N SER C 179 -6.49 4.52 -11.73
CA SER C 179 -6.49 3.50 -12.76
C SER C 179 -7.08 2.20 -12.20
N MET C 180 -7.57 1.36 -13.11
CA MET C 180 -8.17 0.08 -12.75
C MET C 180 -7.76 -0.98 -13.78
N SER C 181 -7.64 -2.22 -13.31
CA SER C 181 -7.40 -3.40 -14.14
C SER C 181 -8.57 -4.36 -13.93
N SER C 182 -9.06 -4.95 -15.01
CA SER C 182 -10.11 -5.94 -14.92
C SER C 182 -9.66 -7.11 -15.78
N THR C 183 -9.66 -8.30 -15.18
CA THR C 183 -9.19 -9.56 -15.78
C THR C 183 -10.27 -10.62 -15.71
N LEU C 184 -10.60 -11.14 -16.88
CA LEU C 184 -11.59 -12.18 -17.02
C LEU C 184 -10.83 -13.46 -17.32
N THR C 185 -10.92 -14.45 -16.44
CA THR C 185 -10.19 -15.71 -16.66
C THR C 185 -11.17 -16.82 -17.01
N LEU C 186 -10.94 -17.46 -18.15
CA LEU C 186 -11.70 -18.62 -18.60
C LEU C 186 -10.72 -19.79 -18.84
N THR C 187 -11.25 -21.00 -19.01
CA THR C 187 -10.43 -22.08 -19.59
C THR C 187 -10.22 -21.78 -21.06
N LYS C 188 -9.21 -22.41 -21.66
CA LYS C 188 -9.04 -22.31 -23.09
C LYS C 188 -10.30 -22.88 -23.75
N ASP C 189 -10.81 -23.99 -23.22
CA ASP C 189 -12.00 -24.61 -23.84
C ASP C 189 -13.19 -23.67 -23.87
N GLU C 190 -13.43 -22.98 -22.76
CA GLU C 190 -14.53 -22.03 -22.71
C GLU C 190 -14.26 -20.86 -23.65
N TYR C 191 -13.00 -20.39 -23.67
CA TYR C 191 -12.58 -19.25 -24.51
C TYR C 191 -12.82 -19.53 -26.00
N GLU C 192 -12.60 -20.78 -26.39
CA GLU C 192 -12.72 -21.21 -27.80
C GLU C 192 -14.17 -21.47 -28.26
N ARG C 193 -15.12 -21.36 -27.34
CA ARG C 193 -16.55 -21.46 -27.63
C ARG C 193 -17.19 -20.15 -28.11
N HIS C 194 -16.44 -19.05 -28.08
CA HIS C 194 -16.98 -17.69 -28.33
C HIS C 194 -16.03 -16.86 -29.18
N ASN C 195 -16.56 -15.85 -29.86
CA ASN C 195 -15.72 -15.05 -30.76
C ASN C 195 -15.37 -13.66 -30.22
N SER C 196 -16.35 -12.84 -29.91
CA SER C 196 -16.07 -11.45 -29.55
C SER C 196 -16.02 -11.29 -28.03
N TYR C 197 -15.00 -10.57 -27.56
CA TYR C 197 -14.78 -10.29 -26.14
C TYR C 197 -14.72 -8.79 -25.98
N THR C 198 -15.48 -8.27 -25.01
CA THR C 198 -15.70 -6.83 -24.86
C THR C 198 -15.63 -6.40 -23.40
N CYS C 199 -14.86 -5.32 -23.17
CA CYS C 199 -14.91 -4.65 -21.90
C CYS C 199 -15.50 -3.26 -22.14
N GLU C 200 -16.49 -2.90 -21.34
CA GLU C 200 -17.22 -1.65 -21.42
C GLU C 200 -17.09 -0.92 -20.09
N ALA C 201 -16.61 0.32 -20.16
CA ALA C 201 -16.37 1.19 -19.02
C ALA C 201 -17.38 2.32 -18.98
N THR C 202 -18.08 2.44 -17.87
CA THR C 202 -19.03 3.52 -17.61
C THR C 202 -18.44 4.44 -16.56
N HIS C 203 -18.19 5.68 -16.97
CA HIS C 203 -17.59 6.71 -16.12
C HIS C 203 -18.41 8.00 -16.28
N LYS C 204 -18.46 8.83 -15.22
CA LYS C 204 -19.30 10.07 -15.27
C LYS C 204 -18.91 11.06 -16.38
N THR C 205 -17.75 10.87 -16.98
CA THR C 205 -17.28 11.71 -18.08
C THR C 205 -18.07 11.55 -19.38
N SER C 206 -18.87 10.49 -19.49
CA SER C 206 -19.74 10.31 -20.63
C SER C 206 -20.90 9.42 -20.28
N THR C 207 -22.07 9.74 -20.83
CA THR C 207 -23.26 8.87 -20.71
C THR C 207 -23.16 7.61 -21.54
N SER C 208 -22.29 7.58 -22.54
CA SER C 208 -22.08 6.38 -23.31
C SER C 208 -20.80 5.66 -22.83
N PRO C 209 -20.86 4.33 -22.62
CA PRO C 209 -19.65 3.62 -22.20
C PRO C 209 -18.55 3.65 -23.23
N ILE C 210 -17.33 3.47 -22.76
CA ILE C 210 -16.20 3.31 -23.62
C ILE C 210 -16.11 1.79 -23.84
N VAL C 211 -16.13 1.37 -25.09
CA VAL C 211 -16.19 -0.04 -25.47
C VAL C 211 -14.89 -0.39 -26.14
N LYS C 212 -14.24 -1.46 -25.69
CA LYS C 212 -13.10 -2.02 -26.41
C LYS C 212 -13.29 -3.52 -26.59
N SER C 213 -12.92 -4.01 -27.76
CA SER C 213 -13.30 -5.36 -28.14
C SER C 213 -12.22 -5.97 -29.02
N PHE C 214 -12.16 -7.29 -29.05
CA PHE C 214 -11.42 -8.00 -30.09
C PHE C 214 -12.21 -9.27 -30.39
N ASN C 215 -11.95 -9.84 -31.56
CA ASN C 215 -12.52 -11.11 -31.96
C ASN C 215 -11.45 -12.15 -31.89
N ARG C 216 -11.75 -13.26 -31.22
CA ARG C 216 -10.82 -14.40 -31.17
C ARG C 216 -10.33 -14.81 -32.56
N ASN C 217 -11.19 -14.73 -33.58
N ASN C 217 -11.20 -14.74 -33.57
CA ASN C 217 -10.80 -15.05 -34.96
CA ASN C 217 -10.81 -15.05 -34.96
C ASN C 217 -9.96 -13.99 -35.72
C ASN C 217 -9.86 -14.05 -35.66
N GLU C 218 -9.62 -12.88 -35.07
CA GLU C 218 -8.68 -11.87 -35.63
C GLU C 218 -8.04 -11.03 -34.53
C1 GLC D . -17.16 -0.56 -5.29
C2 GLC D . -18.14 -0.09 -4.21
C3 GLC D . -18.06 -0.98 -2.96
C4 GLC D . -18.16 -2.47 -3.31
C5 GLC D . -17.23 -2.84 -4.47
C6 GLC D . -17.48 -4.27 -4.96
O2 GLC D . -17.85 1.26 -3.83
O3 GLC D . -19.08 -0.63 -2.03
O4 GLC D . -17.85 -3.22 -2.13
O5 GLC D . -17.39 -1.94 -5.58
O6 GLC D . -18.74 -4.37 -5.61
C1 GLC D . -14.76 -0.80 -5.67
C2 GLC D . -13.44 -0.80 -4.89
C3 GLC D . -12.95 0.62 -4.57
C4 GLC D . -12.98 1.50 -5.84
C5 GLC D . -14.33 1.40 -6.57
C6 GLC D . -14.36 2.15 -7.90
O1 GLC D . -15.82 -0.34 -4.81
O2 GLC D . -13.61 -1.53 -3.68
O3 GLC D . -11.62 0.53 -4.04
O4 GLC D . -12.71 2.87 -5.47
O5 GLC D . -14.63 0.03 -6.83
O6 GLC D . -15.72 2.31 -8.38
C1 PGE E . 10.10 -5.71 0.25
O1 PGE E . 8.66 -5.60 0.12
C2 PGE E . 10.49 -7.17 0.47
O2 PGE E . 10.97 -7.77 -0.75
C3 PGE E . 11.51 -9.09 -0.60
C4 PGE E . 10.38 -10.11 -0.71
O4 PGE E . 7.76 -12.96 0.06
C6 PGE E . 9.13 -13.16 0.49
C5 PGE E . 10.15 -12.52 -0.43
O3 PGE E . 10.67 -11.28 0.06
C1 PGE F . -7.21 -1.14 13.55
O1 PGE F . -7.28 -2.30 12.71
C2 PGE F . -6.90 -1.52 15.00
O2 PGE F . -8.07 -1.49 15.84
C3 PGE F . -8.45 -0.21 16.34
C4 PGE F . -8.62 -0.29 17.86
O4 PGE F . -5.38 2.11 17.29
C6 PGE F . -6.29 2.38 18.38
C5 PGE F . -6.95 1.12 18.96
O3 PGE F . -8.29 0.97 18.47
C1 PGE G . 0.24 4.57 -10.31
O1 PGE G . -0.79 5.19 -11.07
C2 PGE G . 0.75 5.45 -9.19
O2 PGE G . -0.03 5.28 -8.00
C3 PGE G . 0.66 4.89 -6.80
C4 PGE G . 1.48 3.60 -6.95
O4 PGE G . -1.91 1.16 -6.11
C6 PGE G . -0.95 2.14 -6.43
C5 PGE G . 0.16 1.61 -7.33
O3 PGE G . 0.86 2.71 -7.88
C1 PGE H . 6.93 17.46 2.60
O1 PGE H . 5.93 16.46 2.66
C2 PGE H . 7.24 17.75 1.14
O2 PGE H . 6.58 18.95 0.72
C3 PGE H . 7.22 19.55 -0.40
C4 PGE H . 8.29 20.54 0.06
O4 PGE H . 7.06 24.88 1.61
C6 PGE H . 7.03 23.87 0.59
C5 PGE H . 8.17 22.86 0.72
O3 PGE H . 7.59 21.56 0.78
#